data_1Z7W
#
_entry.id   1Z7W
#
_cell.length_a   105.153
_cell.length_b   105.153
_cell.length_c   100.133
_cell.angle_alpha   90
_cell.angle_beta   90
_cell.angle_gamma   90
#
_symmetry.space_group_name_H-M   'P 43 21 2'
#
loop_
_entity.id
_entity.type
_entity.pdbx_description
1 polymer 'Cysteine synthase'
2 non-polymer 'SULFATE ION'
3 non-polymer "PYRIDOXAL-5'-PHOSPHATE"
4 water water
#
_entity_poly.entity_id   1
_entity_poly.type   'polypeptide(L)'
_entity_poly.pdbx_seq_one_letter_code
;MASRIAKDVTELIGNTPLVYLNNVAEGCVGRVAAKLEMMEPCSSVKDRIGFSMISDAEKKGLIKPGESVLIEPTSGNTGV
GLAFTAAAKGYKLIITMPASMSTERRIILLAFGVELVLTDPAKGMKGAIAKAEEILAKTPNGYMLQQFENPANPKIHYET
TGPEIWKGTGGKIDGFVSGIGTGGTITGAGKYLKEQNANVKLYGVEPVESAILSGGKPGPHKIQGIGAGFIPSVLNVDLI
DEVVQVSSDESIDMARQLALKEGLLVGISSGAAAAAAIKLAQRPENAGKLFVAIFPSFGERYLSTVLFDATRKEAEAMTF
EA
;
_entity_poly.pdbx_strand_id   A
#
# COMPACT_ATOMS: atom_id res chain seq x y z
N SER A 3 -21.36 -10.85 -18.01
CA SER A 3 -20.99 -10.10 -16.77
C SER A 3 -22.00 -10.44 -15.67
N ARG A 4 -21.74 -9.98 -14.44
CA ARG A 4 -22.65 -10.29 -13.33
C ARG A 4 -22.69 -9.19 -12.25
N ILE A 5 -23.60 -9.33 -11.29
CA ILE A 5 -23.73 -8.37 -10.20
C ILE A 5 -23.03 -8.92 -8.94
N ALA A 6 -22.12 -8.15 -8.38
CA ALA A 6 -21.39 -8.56 -7.18
C ALA A 6 -22.32 -8.68 -5.98
N LYS A 7 -22.08 -9.70 -5.16
CA LYS A 7 -22.89 -9.96 -3.96
C LYS A 7 -22.80 -8.80 -2.98
N ASP A 8 -21.60 -8.28 -2.81
CA ASP A 8 -21.35 -7.15 -1.92
C ASP A 8 -20.04 -6.52 -2.35
N VAL A 9 -19.65 -5.44 -1.68
CA VAL A 9 -18.43 -4.75 -2.05
C VAL A 9 -17.14 -5.56 -1.98
N THR A 10 -17.06 -6.57 -1.09
CA THR A 10 -15.84 -7.35 -0.98
C THR A 10 -15.49 -8.12 -2.26
N GLU A 11 -16.49 -8.38 -3.10
CA GLU A 11 -16.26 -9.10 -4.36
C GLU A 11 -15.75 -8.16 -5.45
N LEU A 12 -15.65 -6.86 -5.14
CA LEU A 12 -15.17 -5.86 -6.09
C LEU A 12 -13.69 -5.60 -5.89
N ILE A 13 -13.09 -6.30 -4.93
CA ILE A 13 -11.68 -6.16 -4.59
C ILE A 13 -10.78 -6.89 -5.57
N GLY A 14 -9.66 -6.27 -5.92
CA GLY A 14 -8.73 -6.91 -6.83
C GLY A 14 -9.00 -6.70 -8.31
N ASN A 15 -8.34 -7.51 -9.14
CA ASN A 15 -8.48 -7.42 -10.59
C ASN A 15 -8.31 -5.99 -11.09
N THR A 16 -7.32 -5.29 -10.55
CA THR A 16 -7.04 -3.92 -10.95
C THR A 16 -6.27 -3.94 -12.27
N PRO A 17 -6.38 -2.86 -13.06
CA PRO A 17 -5.69 -2.77 -14.36
C PRO A 17 -4.19 -2.44 -14.37
N LEU A 18 -3.61 -2.64 -15.53
CA LEU A 18 -2.20 -2.37 -15.81
C LEU A 18 -2.21 -1.28 -16.89
N VAL A 19 -1.29 -0.32 -16.81
CA VAL A 19 -1.23 0.75 -17.81
C VAL A 19 0.22 1.15 -18.05
N TYR A 20 0.58 1.35 -19.31
CA TYR A 20 1.95 1.73 -19.66
C TYR A 20 2.23 3.17 -19.28
N LEU A 21 3.43 3.42 -18.80
CA LEU A 21 3.85 4.78 -18.46
C LEU A 21 4.47 5.28 -19.76
N ASN A 22 4.07 6.48 -20.20
CA ASN A 22 4.57 6.98 -21.46
C ASN A 22 5.59 8.11 -21.43
N ASN A 23 5.13 9.35 -21.29
CA ASN A 23 6.05 10.48 -21.28
C ASN A 23 7.00 10.57 -20.08
N VAL A 24 6.58 10.06 -18.92
CA VAL A 24 7.45 10.11 -17.75
C VAL A 24 8.57 9.08 -17.86
N ALA A 25 8.41 8.12 -18.76
CA ALA A 25 9.42 7.08 -18.92
C ALA A 25 10.40 7.39 -20.04
N GLU A 26 10.66 8.68 -20.26
CA GLU A 26 11.60 9.09 -21.30
C GLU A 26 13.00 8.59 -20.99
N GLY A 27 13.66 8.01 -21.99
CA GLY A 27 15.00 7.50 -21.80
C GLY A 27 15.08 6.01 -21.49
N CYS A 28 13.94 5.40 -21.18
CA CYS A 28 13.91 3.98 -20.87
C CYS A 28 14.05 3.14 -22.14
N VAL A 29 14.88 2.10 -22.09
CA VAL A 29 15.00 1.19 -23.23
C VAL A 29 14.12 0.01 -22.83
N GLY A 30 13.81 -0.02 -21.54
CA GLY A 30 12.94 -1.03 -20.99
C GLY A 30 11.53 -0.47 -21.05
N ARG A 31 10.56 -1.26 -20.60
CA ARG A 31 9.15 -0.90 -20.65
C ARG A 31 8.55 -0.94 -19.23
N VAL A 32 7.75 0.07 -18.86
CA VAL A 32 7.15 0.07 -17.52
C VAL A 32 5.62 0.18 -17.50
N ALA A 33 4.99 -0.80 -16.86
CA ALA A 33 3.53 -0.82 -16.73
C ALA A 33 3.22 -0.67 -15.24
N ALA A 34 2.24 0.16 -14.94
CA ALA A 34 1.85 0.37 -13.55
C ALA A 34 0.60 -0.43 -13.20
N LYS A 35 0.65 -1.09 -12.05
CA LYS A 35 -0.46 -1.89 -11.52
C LYS A 35 -1.23 -0.91 -10.62
N LEU A 36 -2.42 -0.49 -11.05
CA LEU A 36 -3.19 0.51 -10.31
C LEU A 36 -4.06 0.07 -9.14
N GLU A 37 -3.45 -0.09 -7.96
CA GLU A 37 -4.22 -0.46 -6.78
C GLU A 37 -5.05 0.74 -6.36
N MET A 38 -4.80 1.86 -7.02
CA MET A 38 -5.53 3.10 -6.76
C MET A 38 -6.97 2.89 -7.18
N MET A 39 -7.21 1.89 -8.02
CA MET A 39 -8.55 1.59 -8.51
C MET A 39 -9.33 0.62 -7.64
N GLU A 40 -8.76 0.23 -6.50
CA GLU A 40 -9.47 -0.67 -5.59
C GLU A 40 -10.69 0.12 -5.10
N PRO A 41 -11.74 -0.58 -4.63
CA PRO A 41 -12.94 0.12 -4.14
C PRO A 41 -12.67 1.27 -3.16
N CYS A 42 -11.64 1.14 -2.34
CA CYS A 42 -11.34 2.23 -1.41
C CYS A 42 -10.00 2.91 -1.69
N SER A 43 -9.56 2.82 -2.93
CA SER A 43 -8.34 3.48 -3.42
C SER A 43 -6.94 3.03 -3.00
N SER A 44 -6.81 1.84 -2.40
CA SER A 44 -5.46 1.41 -2.04
C SER A 44 -5.30 -0.11 -2.03
N VAL A 45 -4.06 -0.54 -2.15
CA VAL A 45 -3.71 -1.95 -2.15
C VAL A 45 -4.18 -2.63 -0.85
N LYS A 46 -4.35 -1.83 0.20
CA LYS A 46 -4.77 -2.37 1.49
C LYS A 46 -6.18 -2.95 1.51
N ASP A 47 -6.98 -2.63 0.51
CA ASP A 47 -8.33 -3.17 0.46
C ASP A 47 -8.22 -4.69 0.32
N ARG A 48 -7.12 -5.16 -0.26
CA ARG A 48 -6.91 -6.59 -0.42
C ARG A 48 -6.65 -7.32 0.90
N ILE A 49 -5.79 -6.76 1.77
CA ILE A 49 -5.51 -7.44 3.03
C ILE A 49 -6.51 -7.14 4.13
N GLY A 50 -7.27 -6.06 3.96
CA GLY A 50 -8.28 -5.75 4.95
C GLY A 50 -9.27 -6.90 4.87
N PHE A 51 -9.59 -7.29 3.64
CA PHE A 51 -10.51 -8.38 3.38
C PHE A 51 -9.92 -9.75 3.70
N SER A 52 -8.70 -9.99 3.24
CA SER A 52 -8.08 -11.30 3.45
C SER A 52 -7.83 -11.64 4.92
N MET A 53 -7.46 -10.65 5.73
CA MET A 53 -7.21 -10.94 7.14
C MET A 53 -8.49 -11.25 7.90
N ILE A 54 -9.59 -10.61 7.50
CA ILE A 54 -10.87 -10.84 8.15
C ILE A 54 -11.40 -12.18 7.64
N SER A 55 -11.40 -12.34 6.32
CA SER A 55 -11.89 -13.55 5.68
C SER A 55 -11.20 -14.82 6.17
N ASP A 56 -9.88 -14.78 6.27
CA ASP A 56 -9.12 -15.95 6.71
C ASP A 56 -9.48 -16.31 8.15
N ALA A 57 -9.65 -15.30 8.99
CA ALA A 57 -10.01 -15.54 10.38
C ALA A 57 -11.39 -16.19 10.45
N GLU A 58 -12.32 -15.71 9.61
CA GLU A 58 -13.68 -16.26 9.57
C GLU A 58 -13.64 -17.73 9.20
N LYS A 59 -13.00 -18.01 8.07
CA LYS A 59 -12.89 -19.39 7.58
C LYS A 59 -12.28 -20.32 8.62
N LYS A 60 -11.35 -19.80 9.42
CA LYS A 60 -10.71 -20.62 10.44
C LYS A 60 -11.58 -20.71 11.70
N GLY A 61 -12.75 -20.07 11.65
CA GLY A 61 -13.66 -20.09 12.78
C GLY A 61 -13.18 -19.30 13.99
N LEU A 62 -12.22 -18.40 13.76
CA LEU A 62 -11.67 -17.59 14.84
C LEU A 62 -12.51 -16.37 15.19
N ILE A 63 -13.35 -15.93 14.26
CA ILE A 63 -14.22 -14.78 14.49
C ILE A 63 -15.60 -14.94 13.89
N LYS A 64 -16.56 -14.14 14.36
CA LYS A 64 -17.93 -14.19 13.86
C LYS A 64 -18.54 -12.79 13.87
N PRO A 65 -19.29 -12.44 12.82
CA PRO A 65 -19.93 -11.12 12.72
C PRO A 65 -20.88 -10.87 13.89
N GLY A 66 -20.83 -9.66 14.43
CA GLY A 66 -21.71 -9.31 15.53
C GLY A 66 -21.30 -9.89 16.87
N GLU A 67 -20.19 -10.62 16.89
CA GLU A 67 -19.70 -11.21 18.13
C GLU A 67 -18.27 -10.74 18.40
N SER A 68 -17.38 -11.03 17.47
CA SER A 68 -15.98 -10.67 17.58
C SER A 68 -15.79 -9.16 17.42
N VAL A 69 -14.78 -8.62 18.09
CA VAL A 69 -14.47 -7.19 18.01
C VAL A 69 -13.08 -7.05 17.38
N LEU A 70 -13.04 -6.54 16.15
CA LEU A 70 -11.79 -6.38 15.43
C LEU A 70 -11.01 -5.20 15.99
N ILE A 71 -9.71 -5.35 16.08
CA ILE A 71 -8.85 -4.30 16.62
C ILE A 71 -7.55 -4.22 15.82
N GLU A 72 -7.09 -3.00 15.56
CA GLU A 72 -5.86 -2.81 14.82
C GLU A 72 -5.29 -1.41 14.98
N PRO A 73 -3.99 -1.32 15.29
CA PRO A 73 -3.34 -0.02 15.45
C PRO A 73 -2.85 0.35 14.06
N THR A 74 -3.48 1.35 13.44
CA THR A 74 -3.10 1.76 12.10
C THR A 74 -3.51 3.18 11.76
N SER A 75 -2.54 3.96 11.29
CA SER A 75 -2.81 5.35 10.93
C SER A 75 -2.86 5.48 9.40
N GLY A 76 -2.71 4.37 8.70
CA GLY A 76 -2.72 4.41 7.24
C GLY A 76 -3.88 3.70 6.54
N ASN A 77 -3.63 3.30 5.29
CA ASN A 77 -4.64 2.64 4.46
C ASN A 77 -5.20 1.32 5.00
N THR A 78 -4.46 0.63 5.85
CA THR A 78 -4.96 -0.62 6.38
C THR A 78 -6.23 -0.41 7.21
N GLY A 79 -6.32 0.73 7.89
CA GLY A 79 -7.51 1.00 8.67
C GLY A 79 -8.71 1.14 7.75
N VAL A 80 -8.52 1.82 6.64
CA VAL A 80 -9.60 2.01 5.66
C VAL A 80 -9.99 0.67 5.03
N GLY A 81 -9.00 -0.11 4.63
CA GLY A 81 -9.27 -1.40 4.03
C GLY A 81 -10.08 -2.28 4.96
N LEU A 82 -9.71 -2.27 6.24
CA LEU A 82 -10.44 -3.05 7.25
C LEU A 82 -11.82 -2.47 7.48
N ALA A 83 -11.89 -1.14 7.54
CA ALA A 83 -13.14 -0.44 7.80
C ALA A 83 -14.28 -0.76 6.84
N PHE A 84 -14.07 -0.59 5.54
CA PHE A 84 -15.15 -0.84 4.60
C PHE A 84 -15.52 -2.32 4.54
N THR A 85 -14.55 -3.20 4.73
CA THR A 85 -14.83 -4.63 4.72
C THR A 85 -15.59 -5.01 5.99
N ALA A 86 -15.26 -4.35 7.10
CA ALA A 86 -15.94 -4.64 8.37
C ALA A 86 -17.37 -4.13 8.34
N ALA A 87 -17.58 -3.00 7.68
CA ALA A 87 -18.91 -2.42 7.57
C ALA A 87 -19.82 -3.36 6.79
N ALA A 88 -19.27 -3.93 5.72
CA ALA A 88 -20.01 -4.83 4.84
C ALA A 88 -20.31 -6.18 5.47
N LYS A 89 -19.35 -6.73 6.21
CA LYS A 89 -19.55 -8.04 6.84
C LYS A 89 -20.20 -7.98 8.22
N GLY A 90 -20.38 -6.77 8.73
CA GLY A 90 -21.01 -6.62 10.03
C GLY A 90 -20.11 -6.91 11.23
N TYR A 91 -18.90 -6.37 11.20
CA TYR A 91 -17.95 -6.56 12.30
C TYR A 91 -17.67 -5.24 13.00
N LYS A 92 -17.71 -5.25 14.33
CA LYS A 92 -17.40 -4.03 15.06
C LYS A 92 -15.90 -3.87 14.86
N LEU A 93 -15.45 -2.64 14.57
CA LEU A 93 -14.04 -2.40 14.35
C LEU A 93 -13.51 -1.24 15.16
N ILE A 94 -12.44 -1.52 15.90
CA ILE A 94 -11.78 -0.52 16.73
C ILE A 94 -10.41 -0.26 16.12
N ILE A 95 -10.09 1.00 15.92
CA ILE A 95 -8.81 1.39 15.36
C ILE A 95 -8.13 2.41 16.26
N THR A 96 -6.84 2.23 16.53
CA THR A 96 -6.10 3.17 17.37
C THR A 96 -5.07 3.88 16.51
N MET A 97 -4.94 5.18 16.72
CA MET A 97 -3.94 5.97 15.99
C MET A 97 -3.59 7.21 16.78
N PRO A 98 -2.36 7.73 16.58
CA PRO A 98 -1.92 8.93 17.30
C PRO A 98 -2.86 10.10 16.99
N ALA A 99 -3.20 10.87 18.02
CA ALA A 99 -4.10 12.01 17.85
C ALA A 99 -3.51 13.03 16.90
N SER A 100 -2.22 12.91 16.61
CA SER A 100 -1.55 13.84 15.72
C SER A 100 -2.00 13.68 14.26
N MET A 101 -2.61 12.55 13.96
CA MET A 101 -3.08 12.28 12.60
C MET A 101 -4.15 13.30 12.19
N SER A 102 -4.15 13.71 10.93
CA SER A 102 -5.10 14.69 10.42
C SER A 102 -6.56 14.32 10.64
N THR A 103 -7.41 15.34 10.67
CA THR A 103 -8.85 15.17 10.87
C THR A 103 -9.48 14.31 9.79
N GLU A 104 -9.00 14.46 8.55
CA GLU A 104 -9.52 13.71 7.42
C GLU A 104 -9.32 12.21 7.62
N ARG A 105 -8.20 11.82 8.21
CA ARG A 105 -7.93 10.40 8.45
C ARG A 105 -8.91 9.82 9.47
N ARG A 106 -9.44 10.67 10.32
CA ARG A 106 -10.38 10.21 11.35
C ARG A 106 -11.80 10.17 10.80
N ILE A 107 -12.14 11.13 9.94
CA ILE A 107 -13.46 11.21 9.34
C ILE A 107 -13.82 9.97 8.53
N ILE A 108 -12.93 9.59 7.63
CA ILE A 108 -13.14 8.44 6.76
C ILE A 108 -13.44 7.18 7.59
N LEU A 109 -12.65 6.95 8.63
CA LEU A 109 -12.86 5.79 9.48
C LEU A 109 -14.22 5.90 10.19
N LEU A 110 -14.53 7.10 10.67
CA LEU A 110 -15.80 7.31 11.35
C LEU A 110 -16.97 7.07 10.41
N ALA A 111 -16.84 7.52 9.17
CA ALA A 111 -17.88 7.35 8.16
C ALA A 111 -18.25 5.87 7.99
N PHE A 112 -17.27 4.99 8.16
CA PHE A 112 -17.51 3.56 8.04
C PHE A 112 -17.99 2.95 9.35
N GLY A 113 -18.13 3.79 10.37
CA GLY A 113 -18.58 3.33 11.66
C GLY A 113 -17.53 2.75 12.57
N VAL A 114 -16.27 3.10 12.33
CA VAL A 114 -15.17 2.60 13.15
C VAL A 114 -15.19 3.26 14.53
N GLU A 115 -14.94 2.48 15.57
CA GLU A 115 -14.86 3.04 16.91
C GLU A 115 -13.41 3.47 17.04
N LEU A 116 -13.17 4.75 16.80
CA LEU A 116 -11.83 5.35 16.82
C LEU A 116 -11.31 5.72 18.21
N VAL A 117 -10.07 5.32 18.49
CA VAL A 117 -9.44 5.63 19.76
C VAL A 117 -8.09 6.28 19.48
N LEU A 118 -7.98 7.57 19.79
CA LEU A 118 -6.75 8.31 19.57
C LEU A 118 -5.80 8.12 20.75
N THR A 119 -4.50 8.21 20.47
CA THR A 119 -3.49 8.04 21.51
C THR A 119 -2.52 9.23 21.59
N ASP A 120 -1.81 9.31 22.71
CA ASP A 120 -0.84 10.38 22.95
C ASP A 120 0.01 10.60 21.70
N PRO A 121 -0.10 11.79 21.10
CA PRO A 121 0.67 12.12 19.89
C PRO A 121 2.17 12.05 20.07
N ALA A 122 2.62 12.15 21.32
CA ALA A 122 4.05 12.12 21.64
C ALA A 122 4.62 10.71 21.60
N LYS A 123 3.76 9.71 21.74
CA LYS A 123 4.20 8.32 21.74
C LYS A 123 4.14 7.63 20.39
N GLY A 124 3.82 8.39 19.34
CA GLY A 124 3.74 7.82 18.00
C GLY A 124 2.97 6.53 17.88
N MET A 125 3.30 5.73 16.86
CA MET A 125 2.63 4.45 16.65
C MET A 125 2.84 3.49 17.80
N LYS A 126 3.95 3.64 18.51
CA LYS A 126 4.23 2.78 19.64
C LYS A 126 3.09 2.94 20.65
N GLY A 127 2.63 4.17 20.83
CA GLY A 127 1.53 4.43 21.75
C GLY A 127 0.22 3.83 21.25
N ALA A 128 0.03 3.87 19.93
CA ALA A 128 -1.18 3.34 19.31
C ALA A 128 -1.22 1.82 19.47
N ILE A 129 -0.06 1.19 19.30
CA ILE A 129 0.04 -0.26 19.42
C ILE A 129 -0.22 -0.69 20.87
N ALA A 130 0.32 0.05 21.82
CA ALA A 130 0.11 -0.25 23.23
C ALA A 130 -1.37 -0.19 23.58
N LYS A 131 -2.03 0.87 23.12
CA LYS A 131 -3.45 1.05 23.37
C LYS A 131 -4.26 -0.11 22.78
N ALA A 132 -3.92 -0.51 21.57
CA ALA A 132 -4.61 -1.61 20.90
C ALA A 132 -4.51 -2.90 21.73
N GLU A 133 -3.30 -3.22 22.17
CA GLU A 133 -3.08 -4.42 22.96
C GLU A 133 -3.80 -4.30 24.31
N GLU A 134 -3.87 -3.08 24.82
CA GLU A 134 -4.55 -2.83 26.09
C GLU A 134 -6.04 -3.10 25.92
N ILE A 135 -6.59 -2.70 24.77
CA ILE A 135 -8.00 -2.90 24.47
C ILE A 135 -8.28 -4.40 24.24
N LEU A 136 -7.33 -5.06 23.61
CA LEU A 136 -7.45 -6.48 23.31
C LEU A 136 -7.57 -7.26 24.61
N ALA A 137 -6.72 -6.93 25.57
CA ALA A 137 -6.73 -7.60 26.87
C ALA A 137 -8.07 -7.41 27.57
N LYS A 138 -8.64 -6.22 27.43
CA LYS A 138 -9.93 -5.89 28.03
C LYS A 138 -11.09 -6.60 27.33
N THR A 139 -11.15 -6.43 26.02
CA THR A 139 -12.22 -7.00 25.20
C THR A 139 -12.24 -8.53 25.14
N PRO A 140 -13.34 -9.13 25.62
CA PRO A 140 -13.55 -10.59 25.64
C PRO A 140 -13.34 -11.27 24.28
N ASN A 141 -14.14 -10.86 23.30
CA ASN A 141 -14.05 -11.44 21.96
C ASN A 141 -13.21 -10.60 21.02
N GLY A 142 -12.21 -9.93 21.56
CA GLY A 142 -11.34 -9.10 20.74
C GLY A 142 -10.45 -9.93 19.86
N TYR A 143 -10.06 -9.37 18.71
CA TYR A 143 -9.19 -10.07 17.79
C TYR A 143 -8.36 -9.05 17.01
N MET A 144 -7.06 -9.05 17.26
CA MET A 144 -6.16 -8.12 16.59
C MET A 144 -5.68 -8.74 15.29
N LEU A 145 -5.65 -7.94 14.24
CA LEU A 145 -5.24 -8.43 12.92
C LEU A 145 -3.74 -8.51 12.72
N GLN A 146 -3.00 -7.49 13.14
CA GLN A 146 -1.54 -7.50 13.02
C GLN A 146 -1.09 -7.62 11.56
N GLN A 147 -1.21 -6.54 10.80
CA GLN A 147 -0.83 -6.53 9.39
C GLN A 147 0.62 -6.93 9.13
N PHE A 148 1.52 -6.60 10.04
CA PHE A 148 2.93 -6.94 9.87
C PHE A 148 3.29 -8.39 10.21
N GLU A 149 2.35 -9.10 10.84
CA GLU A 149 2.59 -10.50 11.24
C GLU A 149 1.66 -11.49 10.58
N ASN A 150 0.49 -11.02 10.16
CA ASN A 150 -0.52 -11.87 9.56
C ASN A 150 -0.18 -12.48 8.21
N PRO A 151 -0.07 -13.82 8.14
CA PRO A 151 0.24 -14.55 6.91
C PRO A 151 -0.79 -14.30 5.81
N ALA A 152 -2.02 -13.98 6.22
CA ALA A 152 -3.08 -13.72 5.27
C ALA A 152 -2.79 -12.46 4.44
N ASN A 153 -1.80 -11.69 4.87
CA ASN A 153 -1.41 -10.47 4.17
C ASN A 153 -0.70 -10.88 2.85
N PRO A 154 0.48 -11.49 2.93
CA PRO A 154 1.14 -11.89 1.68
C PRO A 154 0.38 -12.97 0.91
N LYS A 155 -0.39 -13.77 1.62
CA LYS A 155 -1.15 -14.84 0.98
C LYS A 155 -2.16 -14.35 -0.07
N ILE A 156 -2.88 -13.27 0.23
CA ILE A 156 -3.87 -12.75 -0.72
C ILE A 156 -3.15 -12.28 -1.99
N HIS A 157 -1.93 -11.79 -1.82
CA HIS A 157 -1.14 -11.30 -2.95
C HIS A 157 -0.64 -12.47 -3.80
N TYR A 158 -0.43 -13.60 -3.14
CA TYR A 158 0.01 -14.81 -3.83
C TYR A 158 -1.16 -15.41 -4.61
N GLU A 159 -2.38 -15.21 -4.10
CA GLU A 159 -3.59 -15.76 -4.73
C GLU A 159 -4.30 -14.85 -5.72
N THR A 160 -4.06 -13.54 -5.62
CA THR A 160 -4.73 -12.61 -6.52
C THR A 160 -3.77 -11.65 -7.23
N THR A 161 -3.09 -10.81 -6.47
CA THR A 161 -2.18 -9.83 -7.06
C THR A 161 -1.19 -10.45 -8.07
N GLY A 162 -0.49 -11.51 -7.65
CA GLY A 162 0.47 -12.15 -8.53
C GLY A 162 -0.16 -12.71 -9.80
N PRO A 163 -1.18 -13.56 -9.67
CA PRO A 163 -1.86 -14.13 -10.83
C PRO A 163 -2.36 -13.06 -11.81
N GLU A 164 -2.89 -11.97 -11.25
CA GLU A 164 -3.39 -10.87 -12.07
C GLU A 164 -2.29 -10.28 -12.93
N ILE A 165 -1.12 -10.08 -12.33
CA ILE A 165 0.03 -9.51 -13.03
C ILE A 165 0.56 -10.46 -14.09
N TRP A 166 0.64 -11.74 -13.74
CA TRP A 166 1.13 -12.75 -14.67
C TRP A 166 0.21 -12.81 -15.90
N LYS A 167 -1.10 -12.91 -15.65
CA LYS A 167 -2.07 -12.97 -16.73
C LYS A 167 -2.16 -11.66 -17.51
N GLY A 168 -2.10 -10.54 -16.79
CA GLY A 168 -2.18 -9.24 -17.43
C GLY A 168 -1.03 -8.91 -18.36
N THR A 169 0.13 -9.50 -18.10
CA THR A 169 1.31 -9.27 -18.93
C THR A 169 1.55 -10.42 -19.91
N GLY A 170 0.62 -11.37 -19.94
CA GLY A 170 0.78 -12.52 -20.83
C GLY A 170 2.06 -13.28 -20.52
N GLY A 171 2.44 -13.30 -19.24
CA GLY A 171 3.65 -14.00 -18.83
C GLY A 171 4.95 -13.36 -19.32
N LYS A 172 4.89 -12.09 -19.74
CA LYS A 172 6.08 -11.41 -20.25
C LYS A 172 6.80 -10.51 -19.25
N ILE A 173 6.28 -10.43 -18.02
CA ILE A 173 6.90 -9.59 -17.00
C ILE A 173 8.32 -10.07 -16.73
N ASP A 174 9.27 -9.14 -16.66
CA ASP A 174 10.67 -9.48 -16.38
C ASP A 174 11.04 -9.03 -14.97
N GLY A 175 10.49 -7.88 -14.56
CA GLY A 175 10.77 -7.37 -13.24
C GLY A 175 9.52 -6.87 -12.52
N PHE A 176 9.46 -7.17 -11.22
CA PHE A 176 8.36 -6.72 -10.40
C PHE A 176 8.94 -5.73 -9.41
N VAL A 177 8.48 -4.48 -9.48
CA VAL A 177 8.95 -3.41 -8.62
C VAL A 177 7.89 -3.10 -7.56
N SER A 178 8.26 -3.25 -6.29
CA SER A 178 7.32 -3.01 -5.21
C SER A 178 7.90 -2.28 -4.00
N GLY A 179 7.27 -1.17 -3.63
CA GLY A 179 7.69 -0.42 -2.46
C GLY A 179 7.31 -1.28 -1.27
N ILE A 180 8.19 -1.36 -0.27
CA ILE A 180 7.92 -2.22 0.88
C ILE A 180 7.44 -1.54 2.15
N GLY A 181 6.21 -1.90 2.54
CA GLY A 181 5.61 -1.38 3.76
C GLY A 181 5.62 -2.57 4.70
N THR A 182 4.64 -3.44 4.56
CA THR A 182 4.58 -4.66 5.37
C THR A 182 5.40 -5.71 4.61
N GLY A 183 5.53 -5.52 3.31
CA GLY A 183 6.28 -6.45 2.49
C GLY A 183 5.41 -7.57 1.95
N GLY A 184 4.13 -7.55 2.34
CA GLY A 184 3.20 -8.57 1.88
C GLY A 184 3.06 -8.67 0.37
N THR A 185 2.99 -7.52 -0.30
CA THR A 185 2.82 -7.52 -1.75
C THR A 185 4.00 -8.16 -2.49
N ILE A 186 5.21 -7.69 -2.21
CA ILE A 186 6.38 -8.23 -2.90
C ILE A 186 6.61 -9.70 -2.54
N THR A 187 6.29 -10.06 -1.30
CA THR A 187 6.48 -11.44 -0.84
C THR A 187 5.46 -12.39 -1.47
N GLY A 188 4.18 -12.07 -1.36
CA GLY A 188 3.15 -12.93 -1.92
C GLY A 188 3.12 -12.98 -3.45
N ALA A 189 3.03 -11.82 -4.08
CA ALA A 189 2.99 -11.74 -5.54
C ALA A 189 4.33 -12.19 -6.12
N GLY A 190 5.42 -11.76 -5.49
CA GLY A 190 6.74 -12.12 -5.96
C GLY A 190 6.98 -13.63 -5.97
N LYS A 191 6.51 -14.30 -4.92
CA LYS A 191 6.68 -15.74 -4.84
C LYS A 191 5.91 -16.43 -5.96
N TYR A 192 4.68 -15.95 -6.20
CA TYR A 192 3.87 -16.51 -7.26
C TYR A 192 4.55 -16.35 -8.61
N LEU A 193 5.01 -15.13 -8.89
CA LEU A 193 5.66 -14.83 -10.15
C LEU A 193 6.95 -15.65 -10.32
N LYS A 194 7.67 -15.84 -9.24
CA LYS A 194 8.92 -16.62 -9.27
C LYS A 194 8.59 -18.06 -9.65
N GLU A 195 7.43 -18.53 -9.23
CA GLU A 195 7.02 -19.89 -9.53
C GLU A 195 6.60 -20.08 -10.99
N GLN A 196 6.16 -19.00 -11.64
CA GLN A 196 5.75 -19.07 -13.05
C GLN A 196 6.98 -18.98 -13.95
N ASN A 197 7.96 -18.20 -13.52
CA ASN A 197 9.19 -17.99 -14.28
C ASN A 197 10.30 -17.58 -13.31
N ALA A 198 11.19 -18.51 -13.00
CA ALA A 198 12.28 -18.26 -12.06
C ALA A 198 13.17 -17.08 -12.45
N ASN A 199 13.16 -16.67 -13.71
CA ASN A 199 14.00 -15.54 -14.13
C ASN A 199 13.40 -14.16 -13.81
N VAL A 200 12.14 -14.13 -13.38
CA VAL A 200 11.52 -12.85 -13.03
C VAL A 200 12.28 -12.28 -11.84
N LYS A 201 12.65 -11.00 -11.93
CA LYS A 201 13.38 -10.34 -10.85
C LYS A 201 12.47 -9.50 -9.96
N LEU A 202 12.71 -9.57 -8.65
CA LEU A 202 11.90 -8.81 -7.71
C LEU A 202 12.72 -7.66 -7.13
N TYR A 203 12.26 -6.44 -7.37
CA TYR A 203 12.94 -5.26 -6.87
C TYR A 203 12.15 -4.60 -5.74
N GLY A 204 12.74 -4.62 -4.54
CA GLY A 204 12.10 -4.00 -3.40
C GLY A 204 12.52 -2.54 -3.35
N VAL A 205 11.59 -1.65 -3.01
CA VAL A 205 11.93 -0.24 -2.94
C VAL A 205 11.76 0.29 -1.53
N GLU A 206 12.76 1.06 -1.07
CA GLU A 206 12.71 1.65 0.27
C GLU A 206 13.26 3.07 0.21
N PRO A 207 13.00 3.88 1.24
CA PRO A 207 13.49 5.26 1.26
C PRO A 207 14.99 5.34 1.54
N VAL A 208 15.68 6.25 0.88
CA VAL A 208 17.10 6.44 1.09
C VAL A 208 17.28 6.90 2.56
N GLU A 209 16.29 7.62 3.08
CA GLU A 209 16.34 8.12 4.44
C GLU A 209 16.05 7.08 5.52
N SER A 210 15.73 5.86 5.11
CA SER A 210 15.44 4.78 6.05
C SER A 210 15.61 3.45 5.32
N ALA A 211 16.76 3.30 4.66
CA ALA A 211 17.07 2.12 3.88
C ALA A 211 17.61 0.98 4.73
N ILE A 212 16.79 0.48 5.64
CA ILE A 212 17.20 -0.60 6.54
C ILE A 212 17.54 -1.92 5.87
N LEU A 213 16.95 -2.18 4.71
CA LEU A 213 17.21 -3.43 4.00
C LEU A 213 18.59 -3.38 3.35
N SER A 214 19.16 -2.17 3.29
CA SER A 214 20.48 -1.96 2.70
C SER A 214 21.53 -1.67 3.77
N GLY A 215 21.20 -1.98 5.02
CA GLY A 215 22.15 -1.73 6.10
C GLY A 215 22.04 -0.33 6.65
N GLY A 216 21.08 0.44 6.17
CA GLY A 216 20.89 1.80 6.64
C GLY A 216 20.20 1.79 7.99
N LYS A 217 20.17 2.95 8.65
CA LYS A 217 19.54 3.09 9.95
C LYS A 217 18.14 3.65 9.78
N PRO A 218 17.19 3.24 10.62
CA PRO A 218 15.84 3.79 10.47
C PRO A 218 15.84 5.30 10.67
N GLY A 219 14.98 5.99 9.92
CA GLY A 219 14.90 7.43 10.02
C GLY A 219 13.59 7.96 9.45
N PRO A 220 13.28 9.24 9.71
CA PRO A 220 12.05 9.82 9.20
C PRO A 220 12.12 10.12 7.70
N HIS A 221 10.99 9.94 7.02
CA HIS A 221 10.92 10.21 5.58
C HIS A 221 9.48 10.57 5.24
N LYS A 222 9.25 10.99 4.00
CA LYS A 222 7.91 11.39 3.59
C LYS A 222 7.20 10.45 2.63
N ILE A 223 7.78 9.27 2.39
CA ILE A 223 7.15 8.32 1.48
C ILE A 223 6.12 7.48 2.24
N GLN A 224 4.96 8.08 2.48
CA GLN A 224 3.91 7.40 3.22
C GLN A 224 3.51 6.06 2.61
N GLY A 225 3.51 5.02 3.44
CA GLY A 225 3.15 3.70 2.99
C GLY A 225 4.29 2.70 2.99
N ILE A 226 5.52 3.18 2.90
CA ILE A 226 6.67 2.28 2.90
C ILE A 226 7.71 2.76 3.90
N GLY A 227 8.77 1.99 4.07
CA GLY A 227 9.83 2.36 5.00
C GLY A 227 9.39 2.36 6.46
N ALA A 228 8.95 1.20 6.93
CA ALA A 228 8.49 1.06 8.31
C ALA A 228 9.61 1.23 9.35
N GLY A 229 10.85 1.14 8.91
CA GLY A 229 11.97 1.29 9.83
C GLY A 229 12.41 -0.01 10.47
N PHE A 230 11.88 -1.13 9.99
CA PHE A 230 12.22 -2.46 10.50
C PHE A 230 11.76 -3.50 9.50
N ILE A 231 12.32 -4.70 9.55
CA ILE A 231 11.93 -5.75 8.63
C ILE A 231 10.72 -6.50 9.18
N PRO A 232 9.56 -6.34 8.52
CA PRO A 232 8.31 -6.98 8.92
C PRO A 232 8.39 -8.50 8.88
N SER A 233 7.73 -9.12 9.86
CA SER A 233 7.71 -10.56 9.96
C SER A 233 7.21 -11.22 8.65
N VAL A 234 6.17 -10.65 8.02
CA VAL A 234 5.65 -11.23 6.79
C VAL A 234 6.51 -11.02 5.55
N LEU A 235 7.56 -10.20 5.67
CA LEU A 235 8.46 -9.95 4.54
C LEU A 235 9.48 -11.09 4.41
N ASN A 236 9.65 -11.60 3.20
CA ASN A 236 10.65 -12.65 2.97
C ASN A 236 11.74 -12.05 2.10
N VAL A 237 12.82 -11.62 2.74
CA VAL A 237 13.93 -10.98 2.07
C VAL A 237 14.69 -11.87 1.08
N ASP A 238 14.53 -13.19 1.19
CA ASP A 238 15.21 -14.11 0.29
C ASP A 238 14.70 -14.00 -1.13
N LEU A 239 13.45 -13.55 -1.28
CA LEU A 239 12.85 -13.40 -2.59
C LEU A 239 13.36 -12.17 -3.33
N ILE A 240 13.83 -11.18 -2.58
CA ILE A 240 14.31 -9.93 -3.16
C ILE A 240 15.65 -10.07 -3.89
N ASP A 241 15.66 -9.68 -5.16
CA ASP A 241 16.85 -9.75 -5.99
C ASP A 241 17.68 -8.48 -5.90
N GLU A 242 17.02 -7.36 -5.65
CA GLU A 242 17.71 -6.08 -5.53
C GLU A 242 16.83 -5.07 -4.81
N VAL A 243 17.43 -4.31 -3.90
CA VAL A 243 16.72 -3.28 -3.17
C VAL A 243 17.11 -1.96 -3.82
N VAL A 244 16.13 -1.16 -4.21
CA VAL A 244 16.39 0.13 -4.85
C VAL A 244 15.94 1.23 -3.91
N GLN A 245 16.84 2.17 -3.65
CA GLN A 245 16.54 3.29 -2.76
C GLN A 245 16.11 4.51 -3.56
N VAL A 246 15.08 5.19 -3.08
CA VAL A 246 14.61 6.41 -3.72
C VAL A 246 14.42 7.44 -2.61
N SER A 247 14.72 8.69 -2.90
CA SER A 247 14.58 9.74 -1.91
C SER A 247 13.13 10.21 -1.83
N SER A 248 12.82 10.95 -0.76
CA SER A 248 11.49 11.48 -0.58
C SER A 248 11.21 12.47 -1.72
N ASP A 249 12.19 13.32 -2.01
CA ASP A 249 12.03 14.31 -3.07
C ASP A 249 11.84 13.66 -4.44
N GLU A 250 12.59 12.60 -4.73
CA GLU A 250 12.44 11.90 -6.01
C GLU A 250 11.01 11.43 -6.18
N SER A 251 10.52 10.77 -5.13
CA SER A 251 9.18 10.20 -5.11
C SER A 251 8.10 11.26 -5.26
N ILE A 252 8.24 12.36 -4.53
CA ILE A 252 7.27 13.45 -4.60
C ILE A 252 7.27 14.03 -6.02
N ASP A 253 8.45 14.22 -6.59
CA ASP A 253 8.54 14.78 -7.93
C ASP A 253 7.90 13.85 -8.96
N MET A 254 8.19 12.55 -8.88
CA MET A 254 7.62 11.59 -9.82
C MET A 254 6.09 11.55 -9.66
N ALA A 255 5.62 11.56 -8.42
CA ALA A 255 4.18 11.53 -8.15
C ALA A 255 3.50 12.67 -8.89
N ARG A 256 4.10 13.86 -8.82
CA ARG A 256 3.55 15.04 -9.49
C ARG A 256 3.65 14.89 -11.00
N GLN A 257 4.77 14.37 -11.49
CA GLN A 257 4.95 14.17 -12.93
C GLN A 257 3.96 13.15 -13.46
N LEU A 258 3.63 12.14 -12.66
CA LEU A 258 2.67 11.13 -13.08
C LEU A 258 1.28 11.74 -13.30
N ALA A 259 0.92 12.72 -12.47
CA ALA A 259 -0.38 13.37 -12.62
C ALA A 259 -0.34 14.32 -13.82
N LEU A 260 0.71 15.13 -13.88
CA LEU A 260 0.86 16.11 -14.95
C LEU A 260 1.00 15.51 -16.35
N LYS A 261 1.79 14.45 -16.47
CA LYS A 261 2.03 13.83 -17.78
C LYS A 261 1.23 12.59 -18.14
N GLU A 262 0.80 11.81 -17.15
CA GLU A 262 0.06 10.58 -17.44
C GLU A 262 -1.42 10.67 -17.07
N GLY A 263 -1.79 11.69 -16.32
CA GLY A 263 -3.17 11.81 -15.90
C GLY A 263 -3.43 10.85 -14.77
N LEU A 264 -2.37 10.45 -14.08
CA LEU A 264 -2.45 9.52 -12.96
C LEU A 264 -2.18 10.22 -11.63
N LEU A 265 -3.24 10.55 -10.90
CA LEU A 265 -3.10 11.22 -9.60
C LEU A 265 -2.82 10.12 -8.58
N VAL A 266 -1.56 9.96 -8.22
CA VAL A 266 -1.14 8.90 -7.31
C VAL A 266 -0.50 9.36 -6.01
N GLY A 267 -0.41 8.43 -5.07
CA GLY A 267 0.22 8.74 -3.79
C GLY A 267 1.73 8.80 -3.98
N ILE A 268 2.41 9.29 -2.96
CA ILE A 268 3.86 9.42 -3.02
C ILE A 268 4.59 8.09 -3.15
N SER A 269 4.04 7.02 -2.57
CA SER A 269 4.69 5.71 -2.66
C SER A 269 4.65 5.20 -4.11
N SER A 270 3.64 5.64 -4.87
CA SER A 270 3.53 5.25 -6.28
C SER A 270 4.64 5.99 -7.01
N GLY A 271 4.94 7.20 -6.54
CA GLY A 271 6.01 7.97 -7.16
C GLY A 271 7.32 7.25 -6.94
N ALA A 272 7.49 6.68 -5.74
CA ALA A 272 8.71 5.95 -5.40
C ALA A 272 8.87 4.74 -6.30
N ALA A 273 7.80 3.96 -6.43
CA ALA A 273 7.83 2.76 -7.26
C ALA A 273 8.14 3.12 -8.71
N ALA A 274 7.52 4.19 -9.20
CA ALA A 274 7.74 4.62 -10.57
C ALA A 274 9.19 5.08 -10.78
N ALA A 275 9.72 5.87 -9.85
CA ALA A 275 11.09 6.33 -9.97
C ALA A 275 12.03 5.13 -9.99
N ALA A 276 11.79 4.17 -9.10
CA ALA A 276 12.63 2.98 -9.06
C ALA A 276 12.53 2.20 -10.37
N ALA A 277 11.31 1.93 -10.83
CA ALA A 277 11.11 1.18 -12.06
C ALA A 277 11.70 1.87 -13.30
N ILE A 278 11.52 3.18 -13.39
CA ILE A 278 12.05 3.94 -14.52
C ILE A 278 13.58 3.85 -14.55
N LYS A 279 14.22 3.91 -13.38
CA LYS A 279 15.68 3.81 -13.32
C LYS A 279 16.12 2.46 -13.89
N LEU A 280 15.48 1.40 -13.42
CA LEU A 280 15.79 0.04 -13.88
C LEU A 280 15.60 -0.10 -15.39
N ALA A 281 14.52 0.48 -15.90
CA ALA A 281 14.23 0.42 -17.33
C ALA A 281 15.20 1.26 -18.16
N GLN A 282 16.00 2.09 -17.49
CA GLN A 282 16.98 2.93 -18.18
C GLN A 282 18.35 2.26 -18.30
N ARG A 283 18.53 1.15 -17.61
CA ARG A 283 19.80 0.42 -17.68
C ARG A 283 19.83 -0.28 -19.04
N PRO A 284 20.87 -0.01 -19.84
CA PRO A 284 21.01 -0.62 -21.17
C PRO A 284 20.80 -2.13 -21.18
N GLU A 285 21.29 -2.80 -20.14
CA GLU A 285 21.16 -4.25 -20.01
C GLU A 285 19.70 -4.69 -19.98
N ASN A 286 18.79 -3.77 -19.68
CA ASN A 286 17.38 -4.12 -19.61
C ASN A 286 16.56 -3.68 -20.80
N ALA A 287 17.21 -3.40 -21.92
CA ALA A 287 16.49 -2.98 -23.11
C ALA A 287 15.46 -4.04 -23.49
N GLY A 288 14.23 -3.61 -23.77
CA GLY A 288 13.19 -4.54 -24.17
C GLY A 288 12.44 -5.23 -23.05
N LYS A 289 12.93 -5.12 -21.81
CA LYS A 289 12.28 -5.76 -20.68
C LYS A 289 11.02 -5.05 -20.21
N LEU A 290 10.10 -5.82 -19.63
CA LEU A 290 8.85 -5.29 -19.12
C LEU A 290 8.86 -5.30 -17.60
N PHE A 291 8.77 -4.11 -17.00
CA PHE A 291 8.74 -3.99 -15.56
C PHE A 291 7.33 -3.61 -15.13
N VAL A 292 6.88 -4.18 -14.02
CA VAL A 292 5.57 -3.88 -13.48
C VAL A 292 5.76 -3.25 -12.11
N ALA A 293 5.28 -2.03 -11.97
CA ALA A 293 5.40 -1.33 -10.70
C ALA A 293 4.03 -1.17 -10.06
N ILE A 294 3.97 -1.45 -8.77
CA ILE A 294 2.73 -1.32 -8.02
C ILE A 294 2.54 0.14 -7.64
N PHE A 295 1.36 0.67 -7.94
CA PHE A 295 1.00 2.04 -7.56
C PHE A 295 -0.02 1.74 -6.48
N PRO A 296 0.43 1.75 -5.21
CA PRO A 296 -0.36 1.47 -4.00
C PRO A 296 -1.66 2.23 -3.75
N SER A 297 -1.69 3.54 -4.00
CA SER A 297 -2.89 4.31 -3.71
C SER A 297 -3.14 5.54 -4.56
N PHE A 298 -4.38 6.02 -4.50
CA PHE A 298 -4.82 7.20 -5.23
C PHE A 298 -4.34 8.44 -4.48
N GLY A 299 -4.02 9.50 -5.22
CA GLY A 299 -3.52 10.71 -4.61
C GLY A 299 -4.48 11.58 -3.82
N GLU A 300 -5.79 11.44 -4.04
CA GLU A 300 -6.75 12.28 -3.35
C GLU A 300 -6.77 12.14 -1.83
N ARG A 301 -6.38 10.99 -1.32
CA ARG A 301 -6.35 10.77 0.13
C ARG A 301 -5.20 11.50 0.82
N TYR A 302 -4.34 12.15 0.04
CA TYR A 302 -3.19 12.84 0.59
C TYR A 302 -3.15 14.35 0.34
N LEU A 303 -4.32 14.95 0.10
CA LEU A 303 -4.38 16.38 -0.17
C LEU A 303 -3.74 17.27 0.89
N SER A 304 -3.76 16.82 2.15
CA SER A 304 -3.17 17.62 3.22
C SER A 304 -1.68 17.35 3.46
N THR A 305 -1.12 16.35 2.80
CA THR A 305 0.29 16.03 2.99
C THR A 305 1.24 16.85 2.12
N VAL A 306 2.53 16.65 2.33
CA VAL A 306 3.57 17.35 1.61
C VAL A 306 3.49 17.15 0.10
N LEU A 307 2.77 16.11 -0.32
CA LEU A 307 2.62 15.81 -1.75
C LEU A 307 2.04 16.99 -2.52
N PHE A 308 1.13 17.72 -1.89
CA PHE A 308 0.51 18.87 -2.56
C PHE A 308 0.89 20.23 -1.99
N ASP A 309 1.93 20.30 -1.17
CA ASP A 309 2.35 21.57 -0.59
C ASP A 309 2.53 22.67 -1.63
N ALA A 310 3.27 22.38 -2.69
CA ALA A 310 3.52 23.37 -3.74
C ALA A 310 2.22 23.86 -4.38
N THR A 311 1.41 22.94 -4.91
CA THR A 311 0.17 23.34 -5.54
C THR A 311 -0.80 23.95 -4.53
N ARG A 312 -0.70 23.53 -3.27
CA ARG A 312 -1.59 24.04 -2.24
C ARG A 312 -1.38 25.52 -1.94
N LYS A 313 -0.12 25.93 -1.81
CA LYS A 313 0.17 27.34 -1.54
C LYS A 313 -0.22 28.19 -2.75
N GLU A 314 -0.02 27.65 -3.94
CA GLU A 314 -0.37 28.37 -5.15
C GLU A 314 -1.88 28.59 -5.20
N ALA A 315 -2.64 27.57 -4.82
CA ALA A 315 -4.09 27.64 -4.82
C ALA A 315 -4.58 28.66 -3.80
N GLU A 316 -4.01 28.59 -2.60
CA GLU A 316 -4.37 29.49 -1.52
C GLU A 316 -4.01 30.94 -1.80
N ALA A 317 -3.00 31.15 -2.65
CA ALA A 317 -2.54 32.49 -2.96
C ALA A 317 -3.13 33.11 -4.21
N MET A 318 -4.17 32.51 -4.79
CA MET A 318 -4.77 33.09 -5.98
C MET A 318 -6.08 33.83 -5.72
N THR A 319 -6.29 34.89 -6.49
CA THR A 319 -7.49 35.71 -6.35
C THR A 319 -8.34 35.64 -7.60
N PHE A 320 -9.61 35.98 -7.47
CA PHE A 320 -10.52 35.94 -8.61
C PHE A 320 -10.26 37.06 -9.61
N GLU A 321 -10.51 36.76 -10.88
CA GLU A 321 -10.35 37.71 -11.97
C GLU A 321 -11.72 38.17 -12.43
N ALA A 322 -11.95 39.48 -12.42
CA ALA A 322 -13.24 40.03 -12.83
C ALA A 322 -13.33 40.16 -14.34
#